data_4LGQ
#
_entry.id   4LGQ
#
_cell.length_a   66.100
_cell.length_b   98.076
_cell.length_c   104.958
_cell.angle_alpha   90.000
_cell.angle_beta   90.000
_cell.angle_gamma   90.000
#
_symmetry.space_group_name_H-M   'P 21 21 21'
#
loop_
_entity.id
_entity.type
_entity.pdbx_description
1 polymer 'Putative polyketide cyclase'
2 non-polymer DI(HYDROXYETHYL)ETHER
3 non-polymer 1,2-ETHANEDIOL
4 non-polymer 'CHLORIDE ION'
5 non-polymer 'TETRAETHYLENE GLYCOL'
6 water water
#
_entity_poly.entity_id   1
_entity_poly.type   'polypeptide(L)'
_entity_poly.pdbx_seq_one_letter_code
;G(MSE)GDV(MSE)DTSKAVIQRFNREVIENGD(MSE)AAFAELVAPDFVNHSAPPGVSPGPDGFAGFFTG(MSE)LHPA
LSDIRVHIHEQIEENGKVVTRKTIEATHTGAFFGQPASGKRIAIHA(MSE)DIVVVRDGKYAEHWSCADLYGALAQIRAA
;
_entity_poly.pdbx_strand_id   A,B,C,D
#
# COMPACT_ATOMS: atom_id res chain seq x y z
N ASP A 7 26.92 18.69 -10.25
CA ASP A 7 26.35 17.81 -11.28
C ASP A 7 24.97 17.21 -10.91
N THR A 8 24.17 16.90 -11.96
CA THR A 8 22.79 16.40 -11.97
C THR A 8 22.61 15.05 -11.27
N SER A 9 21.35 14.74 -10.92
CA SER A 9 20.97 13.50 -10.27
C SER A 9 21.40 12.32 -11.14
N LYS A 10 21.12 12.39 -12.48
CA LYS A 10 21.48 11.38 -13.49
C LYS A 10 23.00 11.13 -13.56
N ALA A 11 23.81 12.19 -13.34
CA ALA A 11 25.28 12.15 -13.31
C ALA A 11 25.81 11.51 -12.00
N VAL A 12 25.12 11.76 -10.87
CA VAL A 12 25.46 11.21 -9.54
C VAL A 12 25.25 9.68 -9.57
N ILE A 13 24.10 9.24 -10.11
CA ILE A 13 23.73 7.83 -10.20
C ILE A 13 24.72 7.13 -11.15
N GLN A 14 25.09 7.81 -12.28
CA GLN A 14 26.05 7.31 -13.26
C GLN A 14 27.42 7.05 -12.61
N ARG A 15 27.86 7.97 -11.70
CA ARG A 15 29.11 7.91 -10.94
C ARG A 15 29.03 6.79 -9.88
N PHE A 16 27.89 6.68 -9.16
CA PHE A 16 27.67 5.62 -8.17
C PHE A 16 27.79 4.24 -8.82
N ASN A 17 27.16 4.05 -9.98
CA ASN A 17 27.18 2.75 -10.68
C ASN A 17 28.61 2.40 -11.15
N ARG A 18 29.41 3.41 -11.52
CA ARG A 18 30.77 3.21 -12.01
C ARG A 18 31.76 2.96 -10.85
N GLU A 19 31.81 3.87 -9.89
CA GLU A 19 32.77 3.81 -8.81
C GLU A 19 32.36 2.79 -7.73
N VAL A 20 31.07 2.74 -7.32
CA VAL A 20 30.66 1.81 -6.25
C VAL A 20 30.36 0.42 -6.84
N ILE A 21 29.38 0.28 -7.74
CA ILE A 21 28.99 -1.04 -8.21
C ILE A 21 30.11 -1.66 -9.08
N GLU A 22 30.64 -0.96 -10.10
CA GLU A 22 31.65 -1.57 -10.97
C GLU A 22 33.01 -1.75 -10.28
N ASN A 23 33.52 -0.69 -9.64
CA ASN A 23 34.87 -0.67 -9.06
C ASN A 23 34.93 -1.08 -7.56
N GLY A 24 33.83 -0.99 -6.82
CA GLY A 24 33.81 -1.40 -5.41
C GLY A 24 34.46 -0.43 -4.44
N ASP A 25 34.63 0.84 -4.86
CA ASP A 25 35.22 1.93 -4.08
C ASP A 25 34.21 2.38 -3.01
N ALA A 27 35.00 4.31 -0.58
CA ALA A 27 35.36 5.68 -0.25
C ALA A 27 34.45 6.61 -1.05
N ALA A 28 34.12 6.15 -2.28
CA ALA A 28 33.17 6.79 -3.18
C ALA A 28 31.77 6.63 -2.61
N PHE A 29 31.47 5.45 -1.99
CA PHE A 29 30.18 5.17 -1.34
C PHE A 29 29.89 6.23 -0.29
N ALA A 30 30.84 6.42 0.65
CA ALA A 30 30.79 7.39 1.74
C ALA A 30 30.51 8.82 1.24
N GLU A 31 31.05 9.17 0.06
CA GLU A 31 30.92 10.48 -0.61
C GLU A 31 29.57 10.64 -1.37
N LEU A 32 28.99 9.52 -1.87
CA LEU A 32 27.79 9.53 -2.70
C LEU A 32 26.52 9.05 -1.96
N VAL A 33 26.61 8.51 -0.73
CA VAL A 33 25.42 8.05 0.00
C VAL A 33 25.28 8.92 1.29
N ALA A 34 24.05 9.48 1.51
CA ALA A 34 23.71 10.32 2.65
C ALA A 34 23.59 9.49 3.96
N PRO A 35 23.84 10.05 5.17
CA PRO A 35 23.76 9.23 6.40
C PRO A 35 22.32 8.88 6.79
N ASP A 36 21.34 9.64 6.26
CA ASP A 36 19.90 9.45 6.52
C ASP A 36 19.23 8.64 5.37
N PHE A 37 20.05 8.03 4.51
CA PHE A 37 19.62 7.22 3.37
C PHE A 37 18.74 6.04 3.82
N VAL A 38 17.71 5.71 3.01
CA VAL A 38 16.78 4.60 3.22
C VAL A 38 16.67 3.77 1.94
N ASN A 39 16.98 2.48 2.02
CA ASN A 39 16.82 1.50 0.95
C ASN A 39 15.46 0.84 1.19
N HIS A 40 14.46 1.29 0.43
CA HIS A 40 13.07 0.82 0.54
C HIS A 40 12.93 -0.63 0.06
N SER A 41 13.91 -1.12 -0.73
CA SER A 41 13.96 -2.46 -1.29
C SER A 41 14.87 -3.39 -0.47
N ALA A 42 15.26 -2.96 0.74
CA ALA A 42 16.12 -3.76 1.61
C ALA A 42 15.36 -5.02 2.07
N PRO A 43 16.05 -6.20 2.05
CA PRO A 43 15.41 -7.46 2.50
C PRO A 43 14.88 -7.38 3.96
N PRO A 44 13.96 -8.29 4.37
CA PRO A 44 13.35 -8.19 5.72
C PRO A 44 14.32 -8.05 6.90
N GLY A 45 15.42 -8.78 6.88
CA GLY A 45 16.36 -8.76 8.01
C GLY A 45 17.44 -7.72 7.97
N VAL A 46 17.60 -7.06 6.80
CA VAL A 46 18.66 -6.07 6.57
C VAL A 46 18.18 -4.66 6.93
N SER A 47 19.17 -3.86 7.40
CA SER A 47 19.07 -2.45 7.73
C SER A 47 18.77 -1.63 6.45
N PRO A 48 17.70 -0.81 6.46
CA PRO A 48 17.42 0.04 5.30
C PRO A 48 18.40 1.22 5.21
N GLY A 49 19.25 1.37 6.24
CA GLY A 49 20.25 2.43 6.36
C GLY A 49 21.42 2.33 5.40
N PRO A 50 22.32 3.35 5.39
CA PRO A 50 23.47 3.31 4.47
C PRO A 50 24.42 2.15 4.76
N ASP A 51 24.50 1.74 6.05
CA ASP A 51 25.34 0.65 6.53
C ASP A 51 24.86 -0.67 5.93
N GLY A 52 23.54 -0.88 5.93
CA GLY A 52 22.92 -2.08 5.35
C GLY A 52 23.15 -2.18 3.86
N PHE A 53 23.01 -1.03 3.16
CA PHE A 53 23.19 -0.87 1.71
C PHE A 53 24.66 -1.13 1.33
N ALA A 54 25.62 -0.60 2.11
CA ALA A 54 27.05 -0.82 1.89
C ALA A 54 27.39 -2.30 2.04
N GLY A 55 26.74 -2.94 3.03
CA GLY A 55 26.87 -4.36 3.34
C GLY A 55 26.43 -5.27 2.21
N PHE A 56 25.49 -4.81 1.38
CA PHE A 56 25.03 -5.57 0.23
C PHE A 56 26.15 -5.68 -0.80
N PHE A 57 26.87 -4.57 -1.02
CA PHE A 57 27.95 -4.53 -2.00
C PHE A 57 29.18 -5.27 -1.49
N THR A 58 29.71 -4.87 -0.31
CA THR A 58 30.93 -5.46 0.29
C THR A 58 30.76 -6.92 0.66
N GLY A 59 29.58 -7.27 1.17
CA GLY A 59 29.29 -8.60 1.67
C GLY A 59 28.63 -9.58 0.74
N LEU A 61 27.45 -8.64 -3.10
CA LEU A 61 27.61 -8.42 -4.55
C LEU A 61 29.03 -8.62 -5.05
N HIS A 62 30.02 -7.86 -4.53
CA HIS A 62 31.40 -7.93 -4.99
C HIS A 62 32.06 -9.28 -4.63
N PRO A 63 31.76 -9.96 -3.49
CA PRO A 63 32.35 -11.31 -3.30
C PRO A 63 31.83 -12.32 -4.32
N ALA A 64 30.60 -12.11 -4.86
CA ALA A 64 29.94 -13.00 -5.84
C ALA A 64 30.31 -12.72 -7.29
N LEU A 65 30.52 -11.44 -7.64
CA LEU A 65 30.68 -11.05 -9.02
C LEU A 65 31.96 -10.25 -9.27
N SER A 66 32.70 -10.69 -10.30
CA SER A 66 33.94 -10.05 -10.75
C SER A 66 33.74 -9.34 -12.09
N ASP A 67 34.60 -8.33 -12.36
CA ASP A 67 34.65 -7.54 -13.59
C ASP A 67 33.27 -7.04 -13.96
N ILE A 68 32.61 -6.39 -13.00
CA ILE A 68 31.27 -5.84 -13.17
C ILE A 68 31.26 -4.67 -14.17
N ARG A 69 30.27 -4.70 -15.07
CA ARG A 69 29.99 -3.71 -16.08
C ARG A 69 28.52 -3.31 -15.91
N VAL A 70 28.25 -2.02 -15.65
CA VAL A 70 26.87 -1.52 -15.47
C VAL A 70 26.47 -0.74 -16.74
N HIS A 71 25.67 -1.37 -17.60
CA HIS A 71 25.19 -0.81 -18.86
C HIS A 71 23.90 -0.07 -18.66
N ILE A 72 23.99 1.27 -18.51
CA ILE A 72 22.85 2.18 -18.26
C ILE A 72 22.22 2.49 -19.60
N HIS A 73 20.99 2.03 -19.76
CA HIS A 73 20.24 2.16 -20.99
C HIS A 73 19.49 3.50 -21.10
N GLU A 74 18.70 3.82 -20.06
CA GLU A 74 17.85 4.99 -19.99
C GLU A 74 17.73 5.46 -18.57
N GLN A 75 17.48 6.76 -18.41
CA GLN A 75 17.22 7.40 -17.12
C GLN A 75 16.02 8.35 -17.29
N ILE A 76 14.91 8.07 -16.55
CA ILE A 76 13.64 8.82 -16.56
C ILE A 76 13.54 9.54 -15.22
N GLU A 77 13.47 10.89 -15.22
CA GLU A 77 13.41 11.70 -14.01
C GLU A 77 12.14 12.58 -13.95
N GLU A 78 11.54 12.65 -12.75
CA GLU A 78 10.36 13.46 -12.44
C GLU A 78 10.28 13.63 -10.92
N ASN A 79 10.02 14.87 -10.44
CA ASN A 79 9.83 15.23 -9.04
C ASN A 79 10.95 14.67 -8.12
N GLY A 80 12.20 14.91 -8.51
CA GLY A 80 13.37 14.49 -7.75
C GLY A 80 13.68 13.01 -7.72
N LYS A 81 12.92 12.18 -8.47
CA LYS A 81 13.17 10.73 -8.57
C LYS A 81 13.73 10.42 -9.94
N VAL A 82 14.78 9.56 -9.99
CA VAL A 82 15.47 9.14 -11.23
C VAL A 82 15.39 7.63 -11.34
N VAL A 83 14.70 7.18 -12.39
CA VAL A 83 14.60 5.77 -12.70
C VAL A 83 15.73 5.41 -13.67
N THR A 84 16.53 4.42 -13.32
CA THR A 84 17.60 3.95 -14.19
C THR A 84 17.26 2.56 -14.63
N ARG A 85 17.20 2.33 -15.96
CA ARG A 85 17.03 1.00 -16.57
C ARG A 85 18.39 0.59 -17.06
N LYS A 86 18.91 -0.50 -16.51
CA LYS A 86 20.28 -0.92 -16.79
C LYS A 86 20.44 -2.44 -16.87
N THR A 87 21.63 -2.90 -17.30
CA THR A 87 22.03 -4.32 -17.32
C THR A 87 23.40 -4.45 -16.65
N ILE A 88 23.46 -5.18 -15.51
CA ILE A 88 24.71 -5.50 -14.81
C ILE A 88 25.32 -6.74 -15.50
N GLU A 89 26.51 -6.59 -16.09
CA GLU A 89 27.20 -7.73 -16.69
C GLU A 89 28.42 -8.05 -15.81
N ALA A 90 28.61 -9.35 -15.41
CA ALA A 90 29.72 -9.75 -14.53
C ALA A 90 30.06 -11.23 -14.64
N THR A 91 31.26 -11.62 -14.13
CA THR A 91 31.67 -13.03 -14.10
C THR A 91 31.32 -13.59 -12.70
N HIS A 92 30.60 -14.71 -12.69
CA HIS A 92 30.19 -15.39 -11.46
C HIS A 92 31.40 -16.15 -10.84
N THR A 93 32.08 -15.48 -9.89
CA THR A 93 33.29 -16.00 -9.25
C THR A 93 33.12 -16.34 -7.75
N GLY A 94 31.99 -15.94 -7.16
CA GLY A 94 31.68 -16.22 -5.75
C GLY A 94 30.31 -16.81 -5.56
N ALA A 95 29.85 -16.95 -4.30
CA ALA A 95 28.53 -17.50 -3.97
C ALA A 95 27.44 -16.47 -4.28
N PHE A 96 26.43 -16.88 -5.10
CA PHE A 96 25.37 -15.98 -5.53
C PHE A 96 24.02 -16.66 -5.45
N PHE A 97 23.23 -16.24 -4.45
CA PHE A 97 21.88 -16.72 -4.15
C PHE A 97 21.78 -18.26 -4.23
N GLY A 98 22.66 -18.91 -3.48
CA GLY A 98 22.70 -20.36 -3.36
C GLY A 98 23.43 -21.09 -4.47
N GLN A 99 23.92 -20.33 -5.47
CA GLN A 99 24.65 -20.92 -6.59
C GLN A 99 26.14 -20.71 -6.39
N PRO A 100 26.91 -21.79 -6.18
CA PRO A 100 28.37 -21.64 -6.07
C PRO A 100 28.98 -21.17 -7.40
N ALA A 101 30.17 -20.52 -7.32
CA ALA A 101 30.91 -19.97 -8.46
C ALA A 101 30.87 -20.88 -9.71
N SER A 102 30.42 -20.33 -10.87
CA SER A 102 30.30 -21.04 -12.16
C SER A 102 31.35 -20.57 -13.19
N GLY A 103 31.89 -19.37 -12.98
CA GLY A 103 32.89 -18.75 -13.84
C GLY A 103 32.30 -18.12 -15.08
N LYS A 104 30.99 -18.21 -15.21
CA LYS A 104 30.20 -17.70 -16.32
C LYS A 104 30.03 -16.21 -16.25
N ARG A 105 30.01 -15.57 -17.43
CA ARG A 105 29.76 -14.15 -17.49
C ARG A 105 28.27 -14.02 -17.77
N ILE A 106 27.57 -13.42 -16.81
CA ILE A 106 26.10 -13.30 -16.84
C ILE A 106 25.64 -11.82 -16.95
N ALA A 107 24.36 -11.62 -17.34
CA ALA A 107 23.76 -10.29 -17.46
C ALA A 107 22.49 -10.21 -16.61
N ILE A 108 22.50 -9.32 -15.63
CA ILE A 108 21.38 -9.10 -14.73
C ILE A 108 20.63 -7.85 -15.18
N HIS A 109 19.39 -7.99 -15.61
CA HIS A 109 18.61 -6.83 -15.98
C HIS A 109 18.02 -6.20 -14.71
N ALA A 110 18.20 -4.90 -14.53
CA ALA A 110 17.70 -4.23 -13.34
C ALA A 110 17.09 -2.85 -13.65
N ASP A 112 16.30 0.71 -11.01
CA ASP A 112 16.30 1.30 -9.69
C ASP A 112 15.74 2.73 -9.76
N ILE A 113 15.16 3.18 -8.64
CA ILE A 113 14.61 4.52 -8.48
C ILE A 113 15.40 5.14 -7.34
N VAL A 114 16.16 6.20 -7.67
CA VAL A 114 17.01 6.88 -6.68
C VAL A 114 16.56 8.34 -6.53
N VAL A 115 16.52 8.80 -5.27
CA VAL A 115 16.25 10.19 -4.86
C VAL A 115 17.58 10.78 -4.44
N VAL A 116 18.15 11.65 -5.29
CA VAL A 116 19.44 12.32 -5.00
C VAL A 116 19.13 13.66 -4.32
N ARG A 117 19.74 13.89 -3.13
CA ARG A 117 19.65 15.13 -2.35
C ARG A 117 21.03 15.59 -1.98
N ASP A 118 21.38 16.81 -2.42
CA ASP A 118 22.66 17.48 -2.21
C ASP A 118 23.84 16.57 -2.65
N GLY A 119 23.73 16.06 -3.88
CA GLY A 119 24.72 15.22 -4.53
C GLY A 119 24.93 13.84 -3.94
N LYS A 120 24.01 13.40 -3.07
CA LYS A 120 24.08 12.08 -2.42
C LYS A 120 22.76 11.29 -2.55
N TYR A 121 22.88 9.94 -2.49
CA TYR A 121 21.78 8.96 -2.48
C TYR A 121 20.98 9.14 -1.18
N ALA A 122 19.67 9.48 -1.28
CA ALA A 122 18.82 9.72 -0.12
C ALA A 122 17.78 8.61 0.06
N GLU A 123 17.16 8.15 -1.04
CA GLU A 123 16.16 7.08 -1.08
C GLU A 123 16.45 6.18 -2.28
N HIS A 124 16.08 4.87 -2.17
CA HIS A 124 16.34 3.88 -3.21
C HIS A 124 15.34 2.74 -3.19
N TRP A 125 14.87 2.40 -4.40
CA TRP A 125 14.03 1.25 -4.76
C TRP A 125 14.71 0.49 -5.85
N SER A 126 14.72 -0.83 -5.76
CA SER A 126 15.37 -1.65 -6.76
C SER A 126 14.45 -2.77 -7.25
N CYS A 127 14.72 -3.23 -8.47
CA CYS A 127 14.11 -4.38 -9.11
C CYS A 127 15.17 -4.99 -9.96
N ALA A 128 15.39 -6.31 -9.80
CA ALA A 128 16.38 -7.03 -10.60
C ALA A 128 15.85 -8.40 -10.98
N ASP A 129 16.24 -8.87 -12.15
CA ASP A 129 15.87 -10.18 -12.65
C ASP A 129 16.83 -11.26 -12.10
N LEU A 130 16.68 -11.63 -10.80
CA LEU A 130 17.52 -12.72 -10.25
C LEU A 130 17.13 -14.06 -10.85
N TYR A 131 15.81 -14.25 -11.13
CA TYR A 131 15.30 -15.49 -11.71
C TYR A 131 16.09 -15.78 -12.99
N GLY A 132 16.19 -14.78 -13.86
CA GLY A 132 16.90 -14.85 -15.12
C GLY A 132 18.38 -15.07 -14.99
N ALA A 133 19.00 -14.41 -14.00
CA ALA A 133 20.42 -14.47 -13.72
C ALA A 133 20.83 -15.85 -13.23
N LEU A 134 20.01 -16.48 -12.35
CA LEU A 134 20.29 -17.83 -11.84
C LEU A 134 20.09 -18.86 -12.94
N ALA A 135 19.14 -18.58 -13.85
CA ALA A 135 18.88 -19.42 -15.01
C ALA A 135 20.13 -19.50 -15.89
N GLN A 136 20.80 -18.32 -16.07
CA GLN A 136 22.05 -18.18 -16.82
C GLN A 136 23.18 -18.99 -16.18
N ILE A 137 23.30 -18.89 -14.83
CA ILE A 137 24.30 -19.59 -14.02
C ILE A 137 24.14 -21.11 -14.17
N ARG A 138 22.89 -21.61 -14.24
CA ARG A 138 22.59 -23.03 -14.37
C ARG A 138 22.77 -23.59 -15.83
N ALA A 139 22.85 -22.74 -16.89
CA ALA A 139 22.96 -23.19 -18.30
C ALA A 139 24.32 -23.82 -18.62
N ASP B 7 -7.47 11.93 -21.48
CA ASP B 7 -6.69 11.50 -20.30
C ASP B 7 -5.22 11.16 -20.65
N THR B 8 -4.36 11.45 -19.65
CA THR B 8 -2.91 11.37 -19.61
C THR B 8 -2.36 9.97 -19.78
N SER B 9 -1.07 9.89 -20.10
CA SER B 9 -0.36 8.62 -20.24
C SER B 9 -0.48 7.80 -18.95
N LYS B 10 -0.31 8.47 -17.77
CA LYS B 10 -0.38 7.84 -16.47
C LYS B 10 -1.78 7.25 -16.25
N ALA B 11 -2.82 8.00 -16.68
CA ALA B 11 -4.23 7.58 -16.56
C ALA B 11 -4.51 6.34 -17.41
N VAL B 12 -3.90 6.27 -18.62
CA VAL B 12 -4.05 5.15 -19.56
C VAL B 12 -3.41 3.88 -18.93
N ILE B 13 -2.23 4.03 -18.31
CA ILE B 13 -1.53 2.92 -17.68
C ILE B 13 -2.37 2.43 -16.45
N GLN B 14 -2.97 3.36 -15.67
CA GLN B 14 -3.83 3.02 -14.55
C GLN B 14 -5.04 2.21 -15.02
N ARG B 15 -5.61 2.61 -16.18
CA ARG B 15 -6.79 1.98 -16.78
C ARG B 15 -6.42 0.58 -17.29
N PHE B 16 -5.23 0.46 -17.90
CA PHE B 16 -4.69 -0.83 -18.35
C PHE B 16 -4.50 -1.79 -17.15
N ASN B 17 -3.89 -1.32 -16.06
CA ASN B 17 -3.65 -2.16 -14.91
C ASN B 17 -4.98 -2.61 -14.26
N ARG B 18 -6.02 -1.77 -14.34
CA ARG B 18 -7.30 -2.05 -13.72
C ARG B 18 -8.13 -2.99 -14.61
N GLU B 19 -8.38 -2.60 -15.85
CA GLU B 19 -9.27 -3.32 -16.73
C GLU B 19 -8.57 -4.57 -17.32
N VAL B 20 -7.27 -4.49 -17.68
CA VAL B 20 -6.59 -5.65 -18.29
C VAL B 20 -6.00 -6.55 -17.20
N ILE B 21 -5.05 -6.08 -16.38
CA ILE B 21 -4.38 -6.95 -15.43
C ILE B 21 -5.36 -7.39 -14.31
N GLU B 22 -6.10 -6.47 -13.66
CA GLU B 22 -6.99 -6.89 -12.58
C GLU B 22 -8.23 -7.66 -13.05
N ASN B 23 -8.96 -7.12 -14.03
CA ASN B 23 -10.22 -7.64 -14.49
C ASN B 23 -10.11 -8.63 -15.68
N GLY B 24 -9.02 -8.60 -16.44
CA GLY B 24 -8.83 -9.53 -17.56
C GLY B 24 -9.70 -9.27 -18.78
N ASP B 25 -10.17 -8.00 -18.94
CA ASP B 25 -10.99 -7.53 -20.07
C ASP B 25 -10.08 -7.34 -21.27
N ALA B 27 -11.19 -6.88 -24.23
CA ALA B 27 -11.85 -5.87 -25.08
C ALA B 27 -11.19 -4.54 -24.78
N ALA B 28 -10.83 -4.34 -23.49
CA ALA B 28 -10.13 -3.17 -23.02
C ALA B 28 -8.70 -3.21 -23.53
N PHE B 29 -8.09 -4.44 -23.59
CA PHE B 29 -6.75 -4.65 -24.15
C PHE B 29 -6.66 -4.08 -25.58
N ALA B 30 -7.59 -4.52 -26.44
CA ALA B 30 -7.71 -4.12 -27.83
C ALA B 30 -7.79 -2.61 -28.00
N GLU B 31 -8.45 -1.95 -27.05
CA GLU B 31 -8.69 -0.50 -27.03
C GLU B 31 -7.46 0.30 -26.51
N LEU B 32 -6.67 -0.31 -25.61
CA LEU B 32 -5.53 0.32 -24.92
C LEU B 32 -4.14 -0.09 -25.46
N VAL B 33 -4.02 -1.12 -26.33
CA VAL B 33 -2.73 -1.55 -26.89
C VAL B 33 -2.76 -1.31 -28.41
N ALA B 34 -1.72 -0.64 -28.92
CA ALA B 34 -1.62 -0.26 -30.35
C ALA B 34 -1.29 -1.49 -31.22
N PRO B 35 -1.67 -1.56 -32.53
CA PRO B 35 -1.32 -2.75 -33.34
C PRO B 35 0.18 -2.85 -33.66
N ASP B 36 0.90 -1.71 -33.56
CA ASP B 36 2.33 -1.60 -33.80
C ASP B 36 3.09 -1.62 -32.43
N PHE B 37 2.45 -2.13 -31.35
CA PHE B 37 3.04 -2.22 -30.01
C PHE B 37 4.28 -3.13 -29.98
N VAL B 38 5.33 -2.75 -29.21
CA VAL B 38 6.48 -3.64 -29.05
C VAL B 38 6.77 -3.80 -27.56
N ASN B 39 6.84 -5.06 -27.12
CA ASN B 39 7.20 -5.43 -25.75
C ASN B 39 8.67 -5.76 -25.80
N HIS B 40 9.51 -4.77 -25.42
CA HIS B 40 10.97 -4.87 -25.45
C HIS B 40 11.50 -5.92 -24.45
N SER B 41 10.68 -6.25 -23.44
CA SER B 41 10.99 -7.21 -22.37
C SER B 41 10.50 -8.61 -22.70
N ALA B 42 9.91 -8.81 -23.89
CA ALA B 42 9.43 -10.11 -24.29
C ALA B 42 10.60 -11.11 -24.38
N PRO B 43 10.43 -12.33 -23.78
CA PRO B 43 11.48 -13.36 -23.82
C PRO B 43 11.86 -13.74 -25.25
N PRO B 44 13.04 -14.38 -25.46
CA PRO B 44 13.47 -14.70 -26.85
C PRO B 44 12.46 -15.54 -27.68
N GLY B 45 11.66 -16.39 -27.02
CA GLY B 45 10.69 -17.23 -27.73
C GLY B 45 9.34 -16.61 -28.01
N VAL B 46 9.01 -15.53 -27.29
CA VAL B 46 7.70 -14.89 -27.37
C VAL B 46 7.70 -13.73 -28.41
N SER B 47 6.52 -13.51 -29.03
CA SER B 47 6.24 -12.41 -29.93
C SER B 47 6.26 -11.08 -29.16
N PRO B 48 7.08 -10.11 -29.62
CA PRO B 48 7.11 -8.81 -28.94
C PRO B 48 5.90 -7.94 -29.33
N GLY B 49 5.03 -8.48 -30.18
CA GLY B 49 3.84 -7.81 -30.66
C GLY B 49 2.67 -7.80 -29.69
N PRO B 50 1.54 -7.16 -30.08
CA PRO B 50 0.38 -7.09 -29.17
C PRO B 50 -0.24 -8.46 -28.88
N ASP B 51 -0.15 -9.37 -29.86
CA ASP B 51 -0.72 -10.71 -29.74
C ASP B 51 0.07 -11.51 -28.72
N GLY B 52 1.40 -11.36 -28.72
CA GLY B 52 2.27 -12.04 -27.76
C GLY B 52 2.01 -11.58 -26.34
N PHE B 53 1.84 -10.23 -26.20
CA PHE B 53 1.57 -9.53 -24.96
C PHE B 53 0.21 -9.98 -24.37
N ALA B 54 -0.83 -10.05 -25.22
CA ALA B 54 -2.16 -10.50 -24.82
C ALA B 54 -2.11 -11.94 -24.34
N GLY B 55 -1.31 -12.75 -25.04
CA GLY B 55 -1.09 -14.16 -24.75
C GLY B 55 -0.50 -14.41 -23.39
N PHE B 56 0.29 -13.46 -22.89
CA PHE B 56 0.86 -13.54 -21.54
C PHE B 56 -0.25 -13.42 -20.50
N PHE B 57 -1.24 -12.51 -20.72
CA PHE B 57 -2.32 -12.32 -19.76
C PHE B 57 -3.32 -13.49 -19.83
N THR B 58 -3.91 -13.75 -21.00
CA THR B 58 -4.89 -14.80 -21.21
C THR B 58 -4.36 -16.21 -20.97
N GLY B 59 -3.13 -16.48 -21.39
CA GLY B 59 -2.57 -17.81 -21.27
C GLY B 59 -1.70 -18.12 -20.07
N LEU B 61 -0.93 -15.35 -17.04
CA LEU B 61 -1.19 -14.60 -15.83
C LEU B 61 -2.55 -14.93 -15.21
N HIS B 62 -3.65 -14.66 -15.92
CA HIS B 62 -4.99 -14.87 -15.36
C HIS B 62 -5.25 -16.38 -15.06
N PRO B 63 -4.74 -17.39 -15.82
CA PRO B 63 -4.94 -18.77 -15.39
C PRO B 63 -4.19 -19.11 -14.09
N ALA B 64 -3.08 -18.41 -13.81
CA ALA B 64 -2.24 -18.62 -12.61
C ALA B 64 -2.71 -17.84 -11.35
N LEU B 65 -3.26 -16.63 -11.55
CA LEU B 65 -3.57 -15.73 -10.47
C LEU B 65 -5.03 -15.25 -10.46
N SER B 66 -5.68 -15.44 -9.29
CA SER B 66 -7.05 -15.01 -9.01
C SER B 66 -7.07 -13.76 -8.16
N ASP B 67 -8.20 -13.01 -8.17
CA ASP B 67 -8.45 -11.83 -7.33
C ASP B 67 -7.26 -10.89 -7.37
N ILE B 68 -6.84 -10.51 -8.59
CA ILE B 68 -5.69 -9.64 -8.78
C ILE B 68 -6.03 -8.20 -8.35
N ARG B 69 -5.19 -7.62 -7.48
CA ARG B 69 -5.24 -6.24 -7.03
C ARG B 69 -3.88 -5.60 -7.36
N VAL B 70 -3.85 -4.58 -8.26
CA VAL B 70 -2.61 -3.88 -8.63
C VAL B 70 -2.51 -2.55 -7.84
N HIS B 71 -1.52 -2.49 -6.92
CA HIS B 71 -1.19 -1.34 -6.08
C HIS B 71 -0.17 -0.51 -6.81
N ILE B 72 -0.59 0.62 -7.37
CA ILE B 72 0.29 1.54 -8.06
C ILE B 72 0.83 2.49 -7.00
N HIS B 73 2.12 2.33 -6.68
CA HIS B 73 2.80 3.12 -5.66
C HIS B 73 3.23 4.49 -6.19
N GLU B 74 3.92 4.52 -7.36
CA GLU B 74 4.47 5.72 -7.97
C GLU B 74 4.49 5.61 -9.51
N GLN B 75 4.43 6.78 -10.18
CA GLN B 75 4.56 6.90 -11.62
C GLN B 75 5.48 8.09 -11.92
N ILE B 76 6.66 7.81 -12.52
CA ILE B 76 7.68 8.80 -12.90
C ILE B 76 7.68 8.93 -14.42
N GLU B 77 7.37 10.13 -14.93
CA GLU B 77 7.27 10.38 -16.38
C GLU B 77 8.29 11.44 -16.87
N GLU B 78 8.97 11.12 -17.96
CA GLU B 78 9.89 12.02 -18.67
C GLU B 78 9.98 11.57 -20.12
N ASN B 79 9.90 12.53 -21.04
CA ASN B 79 10.04 12.34 -22.49
C ASN B 79 9.09 11.25 -23.03
N GLY B 80 7.82 11.33 -22.62
CA GLY B 80 6.77 10.40 -23.04
C GLY B 80 6.85 8.98 -22.53
N LYS B 81 7.79 8.71 -21.63
CA LYS B 81 7.95 7.41 -20.98
C LYS B 81 7.45 7.52 -19.55
N VAL B 82 6.64 6.54 -19.11
CA VAL B 82 6.06 6.49 -17.76
C VAL B 82 6.54 5.21 -17.05
N VAL B 83 7.26 5.41 -15.95
CA VAL B 83 7.73 4.33 -15.12
C VAL B 83 6.70 4.10 -14.03
N THR B 84 6.15 2.88 -13.92
CA THR B 84 5.18 2.58 -12.87
C THR B 84 5.81 1.61 -11.93
N ARG B 85 5.88 1.97 -10.64
CA ARG B 85 6.34 1.12 -9.54
C ARG B 85 5.09 0.61 -8.86
N LYS B 86 4.87 -0.66 -8.93
CA LYS B 86 3.63 -1.22 -8.42
C LYS B 86 3.80 -2.57 -7.75
N THR B 87 2.68 -3.12 -7.24
CA THR B 87 2.66 -4.43 -6.64
C THR B 87 1.42 -5.16 -7.16
N ILE B 88 1.65 -6.35 -7.72
CA ILE B 88 0.58 -7.20 -8.20
C ILE B 88 0.27 -8.18 -7.10
N GLU B 89 -0.90 -7.98 -6.43
CA GLU B 89 -1.33 -8.87 -5.35
C GLU B 89 -2.43 -9.74 -5.86
N ALA B 90 -2.25 -11.06 -5.73
CA ALA B 90 -3.23 -12.04 -6.19
C ALA B 90 -3.09 -13.33 -5.44
N THR B 91 -4.12 -14.21 -5.56
CA THR B 91 -4.13 -15.54 -4.96
C THR B 91 -3.61 -16.55 -6.02
N HIS B 92 -2.57 -17.33 -5.63
CA HIS B 92 -1.95 -18.33 -6.47
C HIS B 92 -2.88 -19.55 -6.66
N THR B 93 -3.69 -19.52 -7.71
CA THR B 93 -4.70 -20.58 -7.93
C THR B 93 -4.37 -21.49 -9.13
N GLY B 94 -3.27 -21.22 -9.82
CA GLY B 94 -2.84 -21.98 -10.98
C GLY B 94 -1.34 -21.96 -11.12
N ALA B 95 -0.76 -22.92 -11.89
CA ALA B 95 0.68 -23.02 -12.11
C ALA B 95 1.28 -21.71 -12.57
N PHE B 96 2.29 -21.28 -11.86
CA PHE B 96 2.99 -20.02 -12.09
C PHE B 96 4.49 -20.28 -12.07
N PHE B 97 5.15 -20.10 -13.22
CA PHE B 97 6.59 -20.32 -13.40
C PHE B 97 7.03 -21.70 -12.84
N GLY B 98 6.28 -22.72 -13.21
CA GLY B 98 6.52 -24.11 -12.81
C GLY B 98 6.10 -24.45 -11.41
N GLN B 99 5.51 -23.49 -10.69
CA GLN B 99 5.05 -23.71 -9.34
C GLN B 99 3.57 -24.02 -9.35
N PRO B 100 3.17 -25.27 -8.97
CA PRO B 100 1.73 -25.59 -8.93
C PRO B 100 1.01 -24.72 -7.92
N ALA B 101 -0.30 -24.49 -8.18
CA ALA B 101 -1.23 -23.72 -7.36
C ALA B 101 -1.00 -23.99 -5.86
N SER B 102 -0.78 -22.92 -5.08
CA SER B 102 -0.52 -23.02 -3.63
C SER B 102 -1.72 -22.52 -2.80
N GLY B 103 -2.57 -21.70 -3.42
CA GLY B 103 -3.73 -21.10 -2.79
C GLY B 103 -3.37 -19.91 -1.95
N LYS B 104 -2.08 -19.55 -1.91
CA LYS B 104 -1.49 -18.48 -1.14
C LYS B 104 -1.74 -17.16 -1.79
N ARG B 105 -2.00 -16.12 -0.96
CA ARG B 105 -2.09 -14.78 -1.48
C ARG B 105 -0.68 -14.24 -1.43
N ILE B 106 -0.17 -13.79 -2.58
CA ILE B 106 1.20 -13.30 -2.74
C ILE B 106 1.22 -11.86 -3.32
N ALA B 107 2.36 -11.19 -3.20
CA ALA B 107 2.58 -9.85 -3.70
C ALA B 107 3.81 -9.81 -4.59
N ILE B 108 3.62 -9.53 -5.90
CA ILE B 108 4.73 -9.46 -6.85
C ILE B 108 5.14 -8.01 -7.02
N HIS B 109 6.37 -7.68 -6.68
CA HIS B 109 6.82 -6.32 -6.87
C HIS B 109 7.29 -6.14 -8.30
N ALA B 110 6.75 -5.14 -8.98
CA ALA B 110 7.15 -4.92 -10.36
C ALA B 110 7.36 -3.43 -10.68
N ASP B 112 7.39 -1.23 -14.55
CA ASP B 112 7.30 -1.23 -15.99
C ASP B 112 7.47 0.19 -16.53
N ILE B 113 7.99 0.28 -17.78
CA ILE B 113 8.20 1.55 -18.50
C ILE B 113 7.32 1.45 -19.71
N VAL B 114 6.30 2.32 -19.80
CA VAL B 114 5.34 2.32 -20.90
C VAL B 114 5.41 3.65 -21.67
N VAL B 115 5.37 3.56 -23.02
CA VAL B 115 5.29 4.68 -23.97
C VAL B 115 3.87 4.67 -24.50
N VAL B 116 3.02 5.62 -24.05
CA VAL B 116 1.64 5.76 -24.52
C VAL B 116 1.61 6.75 -25.70
N ARG B 117 1.07 6.31 -26.85
CA ARG B 117 0.89 7.12 -28.06
C ARG B 117 -0.52 7.00 -28.53
N ASP B 118 -1.22 8.15 -28.66
CA ASP B 118 -2.60 8.31 -29.08
C ASP B 118 -3.52 7.37 -28.26
N GLY B 119 -3.39 7.50 -26.95
CA GLY B 119 -4.18 6.76 -25.96
C GLY B 119 -3.94 5.27 -25.85
N LYS B 120 -2.89 4.75 -26.53
CA LYS B 120 -2.60 3.31 -26.52
C LYS B 120 -1.14 3.02 -26.15
N TYR B 121 -0.89 1.79 -25.60
CA TYR B 121 0.42 1.24 -25.27
C TYR B 121 1.18 1.03 -26.56
N ALA B 122 2.34 1.71 -26.69
CA ALA B 122 3.15 1.64 -27.93
C ALA B 122 4.43 0.83 -27.70
N GLU B 123 5.12 1.10 -26.57
CA GLU B 123 6.34 0.42 -26.18
C GLU B 123 6.26 0.06 -24.72
N HIS B 124 6.92 -1.04 -24.33
CA HIS B 124 6.87 -1.54 -22.96
C HIS B 124 8.14 -2.30 -22.59
N TRP B 125 8.61 -2.04 -21.37
CA TRP B 125 9.69 -2.70 -20.62
C TRP B 125 9.15 -3.08 -19.28
N SER B 126 9.48 -4.28 -18.81
CA SER B 126 9.02 -4.77 -17.52
C SER B 126 10.17 -5.38 -16.70
N CYS B 127 10.05 -5.29 -15.38
CA CYS B 127 10.91 -5.89 -14.39
C CYS B 127 10.05 -6.34 -13.24
N ALA B 128 10.25 -7.55 -12.75
CA ALA B 128 9.46 -8.11 -11.67
C ALA B 128 10.29 -9.00 -10.74
N ASP B 129 9.89 -9.04 -9.47
CA ASP B 129 10.56 -9.87 -8.49
C ASP B 129 10.00 -11.30 -8.51
N LEU B 130 10.34 -12.11 -9.54
CA LEU B 130 9.88 -13.51 -9.55
C LEU B 130 10.61 -14.31 -8.54
N TYR B 131 11.91 -14.03 -8.31
CA TYR B 131 12.65 -14.77 -7.29
C TYR B 131 11.88 -14.71 -5.94
N GLY B 132 11.52 -13.49 -5.52
CA GLY B 132 10.75 -13.23 -4.31
C GLY B 132 9.35 -13.80 -4.29
N ALA B 133 8.65 -13.78 -5.45
CA ALA B 133 7.28 -14.31 -5.61
C ALA B 133 7.25 -15.82 -5.48
N LEU B 134 8.24 -16.51 -6.07
CA LEU B 134 8.33 -17.97 -6.00
C LEU B 134 8.74 -18.36 -4.58
N ALA B 135 9.56 -17.53 -3.92
CA ALA B 135 9.98 -17.72 -2.55
C ALA B 135 8.77 -17.70 -1.63
N GLN B 136 7.83 -16.73 -1.85
CA GLN B 136 6.53 -16.61 -1.17
C GLN B 136 5.68 -17.87 -1.34
N ILE B 137 5.59 -18.36 -2.58
CA ILE B 137 4.83 -19.55 -2.97
C ILE B 137 5.38 -20.78 -2.25
N ARG B 138 6.72 -20.88 -2.13
CA ARG B 138 7.45 -22.03 -1.57
C ARG B 138 7.51 -22.05 -0.01
N ALA B 139 7.18 -20.96 0.67
CA ALA B 139 7.28 -20.84 2.13
C ALA B 139 6.28 -21.75 2.86
N ASP C 7 -25.39 23.13 26.36
CA ASP C 7 -25.78 22.26 25.22
C ASP C 7 -25.18 20.81 25.29
N THR C 8 -25.89 19.89 24.60
CA THR C 8 -25.72 18.44 24.48
C THR C 8 -24.36 18.01 23.93
N SER C 9 -23.95 16.77 24.21
CA SER C 9 -22.67 16.24 23.78
C SER C 9 -22.54 16.32 22.28
N LYS C 10 -23.60 15.91 21.54
CA LYS C 10 -23.66 15.92 20.09
C LYS C 10 -23.45 17.33 19.56
N ALA C 11 -24.07 18.34 20.22
CA ALA C 11 -23.93 19.77 19.87
C ALA C 11 -22.48 20.27 20.06
N VAL C 12 -21.83 19.84 21.17
CA VAL C 12 -20.45 20.19 21.50
C VAL C 12 -19.50 19.65 20.41
N ILE C 13 -19.67 18.37 20.01
CA ILE C 13 -18.82 17.71 19.01
C ILE C 13 -19.02 18.43 17.66
N GLN C 14 -20.29 18.81 17.34
CA GLN C 14 -20.66 19.55 16.13
C GLN C 14 -20.02 20.94 16.10
N ARG C 15 -19.87 21.58 17.26
CA ARG C 15 -19.24 22.90 17.40
C ARG C 15 -17.72 22.75 17.25
N PHE C 16 -17.14 21.66 17.82
CA PHE C 16 -15.71 21.36 17.72
C PHE C 16 -15.31 21.14 16.28
N ASN C 17 -16.10 20.36 15.52
CA ASN C 17 -15.79 20.05 14.14
C ASN C 17 -15.84 21.29 13.26
N ARG C 18 -16.76 22.23 13.57
CA ARG C 18 -16.94 23.46 12.81
C ARG C 18 -15.85 24.49 13.14
N GLU C 19 -15.73 24.84 14.41
CA GLU C 19 -14.83 25.91 14.84
C GLU C 19 -13.37 25.44 14.88
N VAL C 20 -13.05 24.23 15.35
CA VAL C 20 -11.65 23.79 15.44
C VAL C 20 -11.18 23.16 14.12
N ILE C 21 -11.80 22.04 13.66
CA ILE C 21 -11.32 21.33 12.48
C ILE C 21 -11.54 22.17 11.20
N GLU C 22 -12.75 22.71 10.94
CA GLU C 22 -12.99 23.48 9.72
C GLU C 22 -12.30 24.84 9.72
N ASN C 23 -12.51 25.63 10.78
CA ASN C 23 -12.04 27.01 10.86
C ASN C 23 -10.64 27.20 11.47
N GLY C 24 -10.16 26.23 12.25
CA GLY C 24 -8.83 26.30 12.86
C GLY C 24 -8.69 27.28 14.02
N ASP C 25 -9.83 27.64 14.66
CA ASP C 25 -9.93 28.54 15.82
C ASP C 25 -9.44 27.79 17.07
N ALA C 27 -8.81 29.25 19.86
CA ALA C 27 -9.48 29.90 20.98
C ALA C 27 -10.68 29.08 21.35
N ALA C 28 -11.33 28.50 20.32
CA ALA C 28 -12.46 27.60 20.43
C ALA C 28 -11.98 26.29 21.02
N PHE C 29 -10.76 25.83 20.62
CA PHE C 29 -10.13 24.61 21.14
C PHE C 29 -10.02 24.68 22.65
N ALA C 30 -9.40 25.76 23.15
CA ALA C 30 -9.20 26.08 24.57
C ALA C 30 -10.52 26.01 25.38
N GLU C 31 -11.62 26.43 24.74
CA GLU C 31 -12.96 26.50 25.32
C GLU C 31 -13.72 25.14 25.29
N LEU C 32 -13.41 24.28 24.29
CA LEU C 32 -14.08 23.00 24.06
C LEU C 32 -13.27 21.75 24.48
N VAL C 33 -11.97 21.90 24.83
CA VAL C 33 -11.15 20.74 25.23
C VAL C 33 -10.75 20.93 26.70
N ALA C 34 -11.00 19.90 27.55
CA ALA C 34 -10.70 19.92 28.99
C ALA C 34 -9.19 19.82 29.24
N PRO C 35 -8.63 20.37 30.35
CA PRO C 35 -7.17 20.29 30.56
C PRO C 35 -6.67 18.88 30.91
N ASP C 36 -7.58 18.01 31.38
CA ASP C 36 -7.32 16.62 31.76
C ASP C 36 -7.69 15.67 30.60
N PHE C 37 -7.90 16.27 29.39
CA PHE C 37 -8.26 15.55 28.16
C PHE C 37 -7.23 14.48 27.81
N VAL C 38 -7.71 13.34 27.29
CA VAL C 38 -6.90 12.20 26.84
C VAL C 38 -7.28 11.83 25.44
N ASN C 39 -6.29 11.78 24.54
CA ASN C 39 -6.46 11.28 23.18
C ASN C 39 -5.90 9.86 23.20
N HIS C 40 -6.79 8.87 23.29
CA HIS C 40 -6.44 7.45 23.35
C HIS C 40 -5.87 6.95 22.01
N SER C 41 -6.10 7.70 20.94
CA SER C 41 -5.65 7.40 19.58
C SER C 41 -4.36 8.16 19.24
N ALA C 42 -3.73 8.79 20.23
CA ALA C 42 -2.51 9.56 19.99
C ALA C 42 -1.36 8.61 19.60
N PRO C 43 -0.56 8.97 18.55
CA PRO C 43 0.57 8.11 18.13
C PRO C 43 1.60 7.88 19.27
N PRO C 44 2.48 6.86 19.14
CA PRO C 44 3.42 6.55 20.24
C PRO C 44 4.33 7.72 20.70
N GLY C 45 4.73 8.59 19.78
CA GLY C 45 5.62 9.69 20.12
C GLY C 45 4.95 10.97 20.59
N VAL C 46 3.62 11.07 20.38
CA VAL C 46 2.83 12.27 20.68
C VAL C 46 2.19 12.19 22.07
N SER C 47 2.04 13.38 22.69
CA SER C 47 1.39 13.60 23.97
C SER C 47 -0.11 13.29 23.86
N PRO C 48 -0.66 12.44 24.76
CA PRO C 48 -2.10 12.15 24.70
C PRO C 48 -2.94 13.30 25.28
N GLY C 49 -2.24 14.29 25.86
CA GLY C 49 -2.82 15.49 26.46
C GLY C 49 -3.43 16.47 25.48
N PRO C 50 -4.08 17.54 25.99
CA PRO C 50 -4.71 18.53 25.09
C PRO C 50 -3.69 19.27 24.21
N ASP C 51 -2.47 19.44 24.72
CA ASP C 51 -1.38 20.11 24.03
C ASP C 51 -0.97 19.32 22.78
N GLY C 52 -0.87 17.99 22.93
CA GLY C 52 -0.53 17.08 21.85
C GLY C 52 -1.59 17.06 20.76
N PHE C 53 -2.87 17.05 21.19
CA PHE C 53 -4.08 17.05 20.36
C PHE C 53 -4.16 18.35 19.56
N ALA C 54 -3.87 19.51 20.20
CA ALA C 54 -3.87 20.80 19.52
C ALA C 54 -2.79 20.83 18.44
N GLY C 55 -1.64 20.22 18.76
CA GLY C 55 -0.48 20.11 17.89
C GLY C 55 -0.77 19.37 16.60
N PHE C 56 -1.73 18.43 16.65
CA PHE C 56 -2.16 17.68 15.47
C PHE C 56 -2.82 18.61 14.48
N PHE C 57 -3.66 19.54 14.98
CA PHE C 57 -4.38 20.48 14.13
C PHE C 57 -3.45 21.59 13.62
N THR C 58 -2.80 22.33 14.53
CA THR C 58 -1.92 23.46 14.19
C THR C 58 -0.68 23.02 13.41
N GLY C 59 -0.10 21.88 13.79
CA GLY C 59 1.13 21.38 13.19
C GLY C 59 1.02 20.42 12.02
N LEU C 61 -2.62 18.98 10.52
CA LEU C 61 -3.84 18.99 9.71
C LEU C 61 -4.02 20.28 8.90
N HIS C 62 -4.10 21.47 9.56
CA HIS C 62 -4.34 22.74 8.88
C HIS C 62 -3.15 23.11 7.97
N PRO C 63 -1.85 22.82 8.26
CA PRO C 63 -0.81 23.12 7.27
C PRO C 63 -0.95 22.28 5.99
N ALA C 64 -1.47 21.02 6.09
CA ALA C 64 -1.67 20.07 4.99
C ALA C 64 -2.96 20.31 4.18
N LEU C 65 -4.03 20.78 4.84
CA LEU C 65 -5.33 20.85 4.18
C LEU C 65 -6.01 22.24 4.26
N SER C 66 -6.52 22.68 3.10
CA SER C 66 -7.23 23.95 2.96
C SER C 66 -8.72 23.71 2.68
N ASP C 67 -9.56 24.75 2.94
CA ASP C 67 -11.01 24.79 2.69
C ASP C 67 -11.65 23.51 3.26
N ILE C 68 -11.37 23.25 4.55
CA ILE C 68 -11.86 22.05 5.21
C ILE C 68 -13.35 22.17 5.42
N ARG C 69 -14.02 21.09 5.08
CA ARG C 69 -15.44 20.96 5.29
C ARG C 69 -15.65 19.58 5.86
N VAL C 70 -16.16 19.50 7.10
CA VAL C 70 -16.45 18.24 7.82
C VAL C 70 -17.94 17.93 7.70
N HIS C 71 -18.28 16.89 6.92
CA HIS C 71 -19.62 16.38 6.68
C HIS C 71 -19.94 15.34 7.71
N ILE C 72 -20.80 15.65 8.70
CA ILE C 72 -21.21 14.76 9.79
C ILE C 72 -22.45 13.99 9.32
N HIS C 73 -22.26 12.67 9.19
CA HIS C 73 -23.26 11.77 8.68
C HIS C 73 -24.23 11.29 9.75
N GLU C 74 -23.71 10.73 10.82
CA GLU C 74 -24.42 10.12 11.94
C GLU C 74 -23.68 10.34 13.24
N GLN C 75 -24.42 10.30 14.33
CA GLN C 75 -23.90 10.38 15.67
C GLN C 75 -24.69 9.35 16.50
N ILE C 76 -23.97 8.34 17.05
CA ILE C 76 -24.54 7.26 17.88
C ILE C 76 -24.03 7.49 19.29
N GLU C 77 -24.94 7.75 20.25
CA GLU C 77 -24.56 8.03 21.65
C GLU C 77 -25.12 6.99 22.61
N GLU C 78 -24.30 6.58 23.59
CA GLU C 78 -24.65 5.66 24.66
C GLU C 78 -23.63 5.80 25.79
N ASN C 79 -24.12 5.89 27.04
CA ASN C 79 -23.30 5.92 28.27
C ASN C 79 -22.17 6.97 28.22
N GLY C 80 -22.56 8.19 27.83
CA GLY C 80 -21.66 9.33 27.78
C GLY C 80 -20.68 9.38 26.65
N LYS C 81 -20.71 8.39 25.74
CA LYS C 81 -19.83 8.33 24.58
C LYS C 81 -20.62 8.65 23.33
N VAL C 82 -20.07 9.49 22.44
CA VAL C 82 -20.70 9.86 21.16
C VAL C 82 -19.80 9.45 20.00
N VAL C 83 -20.31 8.55 19.16
CA VAL C 83 -19.61 8.13 17.95
C VAL C 83 -20.07 9.03 16.79
N THR C 84 -19.12 9.71 16.14
CA THR C 84 -19.42 10.55 14.97
C THR C 84 -18.82 9.88 13.75
N ARG C 85 -19.67 9.62 12.74
CA ARG C 85 -19.29 9.09 11.43
C ARG C 85 -19.33 10.28 10.49
N LYS C 86 -18.17 10.64 9.92
CA LYS C 86 -18.06 11.82 9.09
C LYS C 86 -17.14 11.61 7.88
N THR C 87 -17.14 12.58 6.97
CA THR C 87 -16.25 12.69 5.80
C THR C 87 -15.64 14.06 5.86
N ILE C 88 -14.32 14.15 5.98
CA ILE C 88 -13.62 15.44 5.95
C ILE C 88 -13.22 15.71 4.49
N GLU C 89 -13.82 16.74 3.87
CA GLU C 89 -13.47 17.13 2.50
C GLU C 89 -12.55 18.33 2.56
N ALA C 90 -11.38 18.27 1.88
CA ALA C 90 -10.39 19.35 1.91
C ALA C 90 -9.50 19.40 0.65
N THR C 91 -8.85 20.55 0.42
CA THR C 91 -7.88 20.67 -0.67
C THR C 91 -6.51 20.32 -0.10
N HIS C 92 -5.75 19.52 -0.85
CA HIS C 92 -4.41 19.08 -0.47
C HIS C 92 -3.42 20.15 -0.87
N THR C 93 -3.11 21.06 0.08
CA THR C 93 -2.26 22.22 -0.22
C THR C 93 -0.89 22.20 0.49
N GLY C 94 -0.69 21.25 1.38
CA GLY C 94 0.57 21.08 2.11
C GLY C 94 0.96 19.63 2.16
N ALA C 95 2.20 19.33 2.60
CA ALA C 95 2.66 17.94 2.68
C ALA C 95 1.76 17.16 3.66
N PHE C 96 1.28 15.97 3.21
CA PHE C 96 0.36 15.10 3.93
C PHE C 96 0.83 13.64 3.85
N PHE C 97 1.28 13.11 5.01
CA PHE C 97 1.75 11.74 5.20
C PHE C 97 2.69 11.28 4.04
N GLY C 98 3.70 12.11 3.77
CA GLY C 98 4.72 11.85 2.76
C GLY C 98 4.37 12.28 1.36
N GLN C 99 3.13 12.71 1.15
CA GLN C 99 2.68 13.12 -0.17
C GLN C 99 2.74 14.63 -0.31
N PRO C 100 3.61 15.18 -1.20
CA PRO C 100 3.65 16.65 -1.37
C PRO C 100 2.33 17.21 -1.92
N ALA C 101 2.03 18.48 -1.62
CA ALA C 101 0.82 19.20 -2.04
C ALA C 101 0.44 18.87 -3.50
N SER C 102 -0.81 18.39 -3.71
CA SER C 102 -1.32 17.98 -5.04
C SER C 102 -2.33 18.96 -5.61
N GLY C 103 -2.96 19.77 -4.75
CA GLY C 103 -3.99 20.72 -5.12
C GLY C 103 -5.33 20.07 -5.34
N LYS C 104 -5.39 18.74 -5.14
CA LYS C 104 -6.58 17.91 -5.27
C LYS C 104 -7.55 18.09 -4.11
N ARG C 105 -8.85 18.00 -4.41
CA ARG C 105 -9.92 18.05 -3.42
C ARG C 105 -10.18 16.60 -2.95
N ILE C 106 -9.72 16.22 -1.76
CA ILE C 106 -9.86 14.82 -1.35
C ILE C 106 -10.92 14.69 -0.27
N ALA C 107 -11.36 13.42 -0.03
CA ALA C 107 -12.38 13.12 0.99
C ALA C 107 -11.85 12.08 1.94
N ILE C 108 -11.71 12.44 3.22
CA ILE C 108 -11.18 11.51 4.22
C ILE C 108 -12.34 10.98 5.05
N HIS C 109 -12.58 9.68 4.98
CA HIS C 109 -13.66 9.11 5.77
C HIS C 109 -13.14 8.83 7.17
N ALA C 110 -13.79 9.38 8.19
CA ALA C 110 -13.35 9.18 9.57
C ALA C 110 -14.51 8.80 10.50
N ASP C 112 -14.93 9.04 15.01
CA ASP C 112 -14.35 9.36 16.31
C ASP C 112 -15.37 9.08 17.40
N ILE C 113 -14.86 8.74 18.57
CA ILE C 113 -15.63 8.47 19.79
C ILE C 113 -15.17 9.52 20.82
N VAL C 114 -16.06 10.43 21.18
CA VAL C 114 -15.76 11.52 22.12
C VAL C 114 -16.61 11.40 23.39
N VAL C 115 -15.95 11.59 24.56
CA VAL C 115 -16.57 11.66 25.88
C VAL C 115 -16.61 13.14 26.26
N VAL C 116 -17.80 13.76 26.22
CA VAL C 116 -17.96 15.18 26.59
C VAL C 116 -18.36 15.22 28.11
N ARG C 117 -17.60 16.01 28.89
CA ARG C 117 -17.83 16.26 30.31
C ARG C 117 -17.80 17.75 30.55
N ASP C 118 -18.91 18.30 31.10
CA ASP C 118 -19.09 19.71 31.44
C ASP C 118 -18.79 20.59 30.20
N GLY C 119 -19.41 20.22 29.08
CA GLY C 119 -19.31 20.93 27.81
C GLY C 119 -17.95 20.93 27.12
N LYS C 120 -17.02 20.05 27.55
CA LYS C 120 -15.69 19.96 26.98
C LYS C 120 -15.33 18.52 26.63
N TYR C 121 -14.41 18.36 25.65
CA TYR C 121 -13.82 17.08 25.22
C TYR C 121 -12.98 16.53 26.37
N ALA C 122 -13.32 15.32 26.86
CA ALA C 122 -12.62 14.71 28.00
C ALA C 122 -11.79 13.50 27.55
N GLU C 123 -12.37 12.64 26.69
CA GLU C 123 -11.71 11.46 26.12
C GLU C 123 -12.00 11.38 24.64
N HIS C 124 -11.09 10.81 23.85
CA HIS C 124 -11.21 10.75 22.39
C HIS C 124 -10.47 9.56 21.80
N TRP C 125 -11.16 8.87 20.89
CA TRP C 125 -10.70 7.83 19.99
C TRP C 125 -10.99 8.23 18.57
N SER C 126 -10.04 8.00 17.66
CA SER C 126 -10.21 8.34 16.25
C SER C 126 -9.81 7.19 15.35
N CYS C 127 -10.40 7.17 14.16
CA CYS C 127 -10.12 6.29 13.06
C CYS C 127 -10.34 7.07 11.80
N ALA C 128 -9.39 7.01 10.87
CA ALA C 128 -9.51 7.69 9.57
C ALA C 128 -8.91 6.84 8.45
N ASP C 129 -9.57 6.84 7.29
CA ASP C 129 -9.10 6.11 6.12
C ASP C 129 -7.97 6.90 5.39
N LEU C 130 -6.75 6.91 5.98
CA LEU C 130 -5.60 7.58 5.36
C LEU C 130 -5.19 6.86 4.13
N TYR C 131 -5.25 5.49 4.17
CA TYR C 131 -4.90 4.64 3.03
C TYR C 131 -5.73 5.12 1.78
N GLY C 132 -7.05 5.27 1.95
CA GLY C 132 -7.97 5.74 0.92
C GLY C 132 -7.70 7.15 0.45
N ALA C 133 -7.34 8.04 1.40
CA ALA C 133 -7.01 9.43 1.14
C ALA C 133 -5.71 9.55 0.29
N LEU C 134 -4.67 8.79 0.63
CA LEU C 134 -3.40 8.85 -0.12
C LEU C 134 -3.62 8.26 -1.53
N ALA C 135 -4.50 7.24 -1.62
CA ALA C 135 -4.89 6.60 -2.88
C ALA C 135 -5.51 7.67 -3.82
N GLN C 136 -6.38 8.55 -3.25
CA GLN C 136 -7.00 9.68 -3.96
C GLN C 136 -5.97 10.68 -4.44
N ILE C 137 -4.95 10.97 -3.58
CA ILE C 137 -3.87 11.91 -3.89
C ILE C 137 -3.05 11.35 -5.10
N ARG C 138 -2.88 10.00 -5.20
CA ARG C 138 -2.13 9.31 -6.27
C ARG C 138 -2.90 9.16 -7.62
N ALA C 139 -4.24 9.18 -7.64
CA ALA C 139 -5.04 9.00 -8.87
C ALA C 139 -4.81 10.11 -9.92
N ASP D 7 -30.97 -13.17 21.46
CA ASP D 7 -29.81 -12.34 21.80
C ASP D 7 -29.74 -10.99 21.01
N THR D 8 -29.15 -10.01 21.72
CA THR D 8 -28.88 -8.60 21.46
C THR D 8 -28.19 -8.36 20.14
N SER D 9 -28.30 -7.14 19.61
CA SER D 9 -27.56 -6.70 18.44
C SER D 9 -26.05 -6.84 18.73
N LYS D 10 -25.61 -6.38 19.93
CA LYS D 10 -24.23 -6.45 20.38
C LYS D 10 -23.77 -7.91 20.47
N ALA D 11 -24.65 -8.82 20.95
CA ALA D 11 -24.31 -10.24 21.02
C ALA D 11 -24.12 -10.83 19.62
N VAL D 12 -24.94 -10.41 18.64
CA VAL D 12 -24.88 -10.87 17.25
C VAL D 12 -23.53 -10.42 16.65
N ILE D 13 -23.14 -9.16 16.88
CA ILE D 13 -21.87 -8.61 16.37
C ILE D 13 -20.68 -9.38 17.07
N GLN D 14 -20.77 -9.65 18.38
CA GLN D 14 -19.78 -10.44 19.12
C GLN D 14 -19.57 -11.78 18.45
N ARG D 15 -20.70 -12.46 18.11
CA ARG D 15 -20.76 -13.79 17.51
C ARG D 15 -20.15 -13.74 16.09
N PHE D 16 -20.48 -12.69 15.31
CA PHE D 16 -19.92 -12.46 13.97
C PHE D 16 -18.40 -12.31 14.06
N ASN D 17 -17.92 -11.49 15.01
CA ASN D 17 -16.47 -11.26 15.13
C ASN D 17 -15.71 -12.55 15.55
N ARG D 18 -16.36 -13.41 16.33
CA ARG D 18 -15.75 -14.65 16.83
C ARG D 18 -15.77 -15.75 15.76
N GLU D 19 -16.97 -16.06 15.27
CA GLU D 19 -17.16 -17.17 14.36
C GLU D 19 -16.74 -16.81 12.94
N VAL D 20 -17.06 -15.60 12.44
CA VAL D 20 -16.68 -15.26 11.05
C VAL D 20 -15.24 -14.72 11.00
N ILE D 21 -14.93 -13.58 11.66
CA ILE D 21 -13.60 -12.97 11.55
C ILE D 21 -12.50 -13.88 12.19
N GLU D 22 -12.65 -14.30 13.46
CA GLU D 22 -11.57 -15.09 14.07
C GLU D 22 -11.47 -16.50 13.48
N ASN D 23 -12.59 -17.23 13.38
CA ASN D 23 -12.62 -18.64 12.99
C ASN D 23 -12.84 -18.91 11.49
N GLY D 24 -13.39 -17.96 10.74
CA GLY D 24 -13.59 -18.08 9.29
C GLY D 24 -14.72 -18.99 8.86
N ASP D 25 -15.65 -19.31 9.78
CA ASP D 25 -16.85 -20.14 9.57
C ASP D 25 -17.85 -19.34 8.70
N ALA D 27 -20.33 -20.72 7.27
CA ALA D 27 -21.66 -21.27 7.55
C ALA D 27 -22.33 -20.35 8.56
N ALA D 28 -21.52 -19.81 9.50
CA ALA D 28 -21.91 -18.83 10.48
C ALA D 28 -22.25 -17.51 9.77
N PHE D 29 -21.46 -17.14 8.72
CA PHE D 29 -21.68 -15.95 7.91
C PHE D 29 -23.09 -15.96 7.35
N ALA D 30 -23.45 -17.06 6.66
CA ALA D 30 -24.75 -17.31 6.05
C ALA D 30 -25.91 -17.16 7.05
N GLU D 31 -25.67 -17.53 8.33
CA GLU D 31 -26.62 -17.49 9.42
C GLU D 31 -26.75 -16.07 10.06
N LEU D 32 -25.68 -15.26 10.01
CA LEU D 32 -25.57 -13.94 10.64
C LEU D 32 -25.66 -12.76 9.65
N VAL D 33 -25.62 -12.99 8.33
CA VAL D 33 -25.70 -11.89 7.35
C VAL D 33 -27.01 -12.09 6.53
N ALA D 34 -27.82 -11.01 6.42
CA ALA D 34 -29.12 -11.03 5.72
C ALA D 34 -28.90 -11.02 4.19
N PRO D 35 -29.84 -11.53 3.36
CA PRO D 35 -29.58 -11.55 1.90
C PRO D 35 -29.71 -10.15 1.25
N ASP D 36 -30.35 -9.20 1.97
CA ASP D 36 -30.56 -7.81 1.54
C ASP D 36 -29.49 -6.88 2.19
N PHE D 37 -28.40 -7.48 2.74
CA PHE D 37 -27.30 -6.80 3.42
C PHE D 37 -26.64 -5.78 2.52
N VAL D 38 -26.36 -4.56 3.07
CA VAL D 38 -25.62 -3.51 2.39
C VAL D 38 -24.35 -3.17 3.16
N ASN D 39 -23.18 -3.29 2.49
CA ASN D 39 -21.90 -2.85 3.01
C ASN D 39 -21.64 -1.47 2.41
N HIS D 40 -21.96 -0.41 3.18
CA HIS D 40 -21.85 0.99 2.74
C HIS D 40 -20.39 1.44 2.57
N SER D 41 -19.46 0.68 3.16
CA SER D 41 -18.02 0.89 3.12
C SER D 41 -17.35 0.02 2.04
N ALA D 42 -18.15 -0.62 1.19
CA ALA D 42 -17.58 -1.43 0.13
C ALA D 42 -16.85 -0.55 -0.89
N PRO D 43 -15.60 -0.93 -1.31
CA PRO D 43 -14.87 -0.14 -2.33
C PRO D 43 -15.69 0.02 -3.63
N PRO D 44 -15.42 1.04 -4.49
CA PRO D 44 -16.26 1.25 -5.69
C PRO D 44 -16.35 0.04 -6.67
N GLY D 45 -15.32 -0.80 -6.73
CA GLY D 45 -15.30 -1.97 -7.61
C GLY D 45 -15.96 -3.23 -7.06
N VAL D 46 -16.15 -3.30 -5.74
CA VAL D 46 -16.71 -4.46 -5.03
C VAL D 46 -18.24 -4.33 -4.84
N SER D 47 -18.93 -5.51 -4.86
CA SER D 47 -20.35 -5.67 -4.59
C SER D 47 -20.65 -5.28 -3.11
N PRO D 48 -21.61 -4.36 -2.92
CA PRO D 48 -21.98 -3.99 -1.53
C PRO D 48 -22.88 -5.06 -0.88
N GLY D 49 -23.16 -6.13 -1.62
CA GLY D 49 -24.01 -7.24 -1.22
C GLY D 49 -23.33 -8.21 -0.29
N PRO D 50 -24.10 -9.21 0.20
CA PRO D 50 -23.50 -10.19 1.14
C PRO D 50 -22.39 -11.03 0.50
N ASP D 51 -22.51 -11.31 -0.81
CA ASP D 51 -21.55 -12.10 -1.55
C ASP D 51 -20.22 -11.37 -1.65
N GLY D 52 -20.27 -10.05 -1.87
CA GLY D 52 -19.08 -9.22 -1.92
C GLY D 52 -18.35 -9.16 -0.57
N PHE D 53 -19.15 -9.06 0.51
CA PHE D 53 -18.70 -8.98 1.90
C PHE D 53 -18.04 -10.30 2.31
N ALA D 54 -18.62 -11.43 1.92
CA ALA D 54 -18.07 -12.76 2.21
C ALA D 54 -16.73 -12.93 1.51
N GLY D 55 -16.65 -12.43 0.27
CA GLY D 55 -15.48 -12.46 -0.59
C GLY D 55 -14.30 -11.72 0.00
N PHE D 56 -14.58 -10.71 0.83
CA PHE D 56 -13.55 -9.97 1.54
C PHE D 56 -12.88 -10.87 2.58
N PHE D 57 -13.67 -11.67 3.31
CA PHE D 57 -13.10 -12.54 4.32
C PHE D 57 -12.39 -13.74 3.69
N THR D 58 -13.08 -14.49 2.83
CA THR D 58 -12.54 -15.70 2.21
C THR D 58 -11.37 -15.42 1.28
N GLY D 59 -11.43 -14.29 0.57
CA GLY D 59 -10.47 -13.97 -0.46
C GLY D 59 -9.38 -13.00 -0.10
N LEU D 61 -9.03 -11.33 3.71
CA LEU D 61 -8.63 -11.29 5.09
C LEU D 61 -8.00 -12.59 5.60
N HIS D 62 -8.72 -13.71 5.54
CA HIS D 62 -8.23 -14.99 6.06
C HIS D 62 -7.00 -15.48 5.26
N PRO D 63 -6.85 -15.27 3.92
CA PRO D 63 -5.61 -15.72 3.25
C PRO D 63 -4.39 -14.90 3.69
N ALA D 64 -4.59 -13.64 4.11
CA ALA D 64 -3.58 -12.71 4.61
C ALA D 64 -3.25 -12.90 6.10
N LEU D 65 -4.24 -13.26 6.94
CA LEU D 65 -4.02 -13.23 8.39
C LEU D 65 -4.38 -14.52 9.10
N SER D 66 -3.42 -14.99 9.93
CA SER D 66 -3.53 -16.19 10.75
C SER D 66 -3.63 -15.83 12.22
N ASP D 67 -4.12 -16.78 13.05
CA ASP D 67 -4.27 -16.70 14.49
C ASP D 67 -4.98 -15.40 14.86
N ILE D 68 -6.14 -15.13 14.24
CA ILE D 68 -6.87 -13.87 14.46
C ILE D 68 -7.55 -13.89 15.84
N ARG D 69 -7.36 -12.79 16.58
CA ARG D 69 -7.97 -12.40 17.85
C ARG D 69 -8.65 -11.05 17.67
N VAL D 70 -9.97 -10.99 17.81
CA VAL D 70 -10.68 -9.71 17.73
C VAL D 70 -10.96 -9.26 19.15
N HIS D 71 -10.33 -8.13 19.53
CA HIS D 71 -10.44 -7.50 20.86
C HIS D 71 -11.49 -6.47 20.76
N ILE D 72 -12.68 -6.76 21.30
CA ILE D 72 -13.80 -5.81 21.32
C ILE D 72 -13.65 -4.98 22.58
N HIS D 73 -13.34 -3.69 22.37
CA HIS D 73 -13.07 -2.72 23.42
C HIS D 73 -14.33 -2.06 23.93
N GLU D 74 -15.18 -1.53 23.03
CA GLU D 74 -16.43 -0.84 23.32
C GLU D 74 -17.48 -1.14 22.28
N GLN D 75 -18.75 -1.07 22.66
CA GLN D 75 -19.92 -1.14 21.79
C GLN D 75 -20.92 -0.07 22.24
N ILE D 76 -21.17 0.94 21.38
CA ILE D 76 -22.07 2.08 21.61
C ILE D 76 -23.26 1.89 20.70
N GLU D 77 -24.48 1.78 21.28
CA GLU D 77 -25.72 1.55 20.51
C GLU D 77 -26.74 2.68 20.70
N GLU D 78 -27.37 3.08 19.59
CA GLU D 78 -28.46 4.07 19.58
C GLU D 78 -29.21 3.94 18.27
N ASN D 79 -30.56 3.91 18.37
CA ASN D 79 -31.50 3.89 17.24
C ASN D 79 -31.18 2.76 16.24
N GLY D 80 -31.00 1.56 16.78
CA GLY D 80 -30.74 0.36 15.98
C GLY D 80 -29.37 0.20 15.37
N LYS D 81 -28.45 1.14 15.64
CA LYS D 81 -27.09 1.07 15.13
C LYS D 81 -26.16 0.80 16.28
N VAL D 82 -25.22 -0.15 16.09
CA VAL D 82 -24.21 -0.56 17.08
C VAL D 82 -22.81 -0.26 16.56
N VAL D 83 -22.11 0.62 17.25
CA VAL D 83 -20.74 0.93 16.92
C VAL D 83 -19.81 0.02 17.73
N THR D 84 -18.89 -0.68 17.05
CA THR D 84 -17.93 -1.52 17.75
C THR D 84 -16.55 -0.96 17.50
N ARG D 85 -15.83 -0.65 18.59
CA ARG D 85 -14.42 -0.25 18.57
C ARG D 85 -13.60 -1.48 18.98
N LYS D 86 -12.76 -1.94 18.06
CA LYS D 86 -12.05 -3.19 18.27
C LYS D 86 -10.65 -3.16 17.69
N THR D 87 -9.91 -4.25 17.93
CA THR D 87 -8.59 -4.44 17.37
C THR D 87 -8.49 -5.84 16.80
N ILE D 88 -8.19 -5.90 15.50
CA ILE D 88 -7.99 -7.19 14.85
C ILE D 88 -6.50 -7.53 15.01
N GLU D 89 -6.16 -8.39 15.98
CA GLU D 89 -4.81 -8.85 16.24
C GLU D 89 -4.61 -10.19 15.53
N ALA D 90 -3.70 -10.20 14.58
CA ALA D 90 -3.43 -11.36 13.78
C ALA D 90 -1.99 -11.38 13.33
N THR D 91 -1.49 -12.57 12.95
CA THR D 91 -0.19 -12.81 12.38
C THR D 91 -0.27 -12.70 10.85
N HIS D 92 0.62 -11.87 10.23
CA HIS D 92 0.71 -11.59 8.80
C HIS D 92 1.40 -12.71 8.05
N THR D 93 0.59 -13.66 7.56
CA THR D 93 1.08 -14.85 6.90
C THR D 93 0.81 -14.88 5.36
N GLY D 94 0.10 -13.90 4.85
CA GLY D 94 -0.19 -13.80 3.44
C GLY D 94 -0.19 -12.36 3.03
N ALA D 95 -0.12 -12.11 1.71
CA ALA D 95 -0.10 -10.75 1.16
C ALA D 95 -1.30 -9.94 1.66
N PHE D 96 -1.03 -8.72 2.07
CA PHE D 96 -1.99 -7.83 2.67
C PHE D 96 -1.74 -6.42 2.19
N PHE D 97 -2.69 -5.88 1.40
CA PHE D 97 -2.63 -4.54 0.84
C PHE D 97 -1.26 -4.22 0.21
N GLY D 98 -0.80 -5.15 -0.63
CA GLY D 98 0.46 -5.04 -1.38
C GLY D 98 1.69 -5.45 -0.61
N GLN D 99 1.53 -5.87 0.63
CA GLN D 99 2.66 -6.24 1.46
C GLN D 99 2.73 -7.71 1.58
N PRO D 100 3.77 -8.35 1.02
CA PRO D 100 3.91 -9.81 1.18
C PRO D 100 4.07 -10.21 2.65
N ALA D 101 3.69 -11.46 2.95
CA ALA D 101 3.77 -12.07 4.26
C ALA D 101 5.07 -11.68 4.99
N SER D 102 4.94 -11.13 6.23
CA SER D 102 6.07 -10.67 7.07
C SER D 102 6.29 -11.57 8.27
N GLY D 103 5.26 -12.36 8.62
CA GLY D 103 5.25 -13.29 9.74
C GLY D 103 5.08 -12.57 11.08
N LYS D 104 4.92 -11.25 11.03
CA LYS D 104 4.77 -10.37 12.16
C LYS D 104 3.39 -10.45 12.73
N ARG D 105 3.29 -10.34 14.05
CA ARG D 105 2.00 -10.26 14.70
C ARG D 105 1.70 -8.78 14.79
N ILE D 106 0.58 -8.39 14.20
CA ILE D 106 0.19 -6.96 14.10
C ILE D 106 -1.19 -6.73 14.69
N ALA D 107 -1.53 -5.48 14.95
CA ALA D 107 -2.81 -5.05 15.51
C ALA D 107 -3.48 -4.03 14.58
N ILE D 108 -4.65 -4.38 14.03
CA ILE D 108 -5.38 -3.47 13.14
C ILE D 108 -6.48 -2.83 13.94
N HIS D 109 -6.41 -1.50 14.15
CA HIS D 109 -7.45 -0.82 14.92
C HIS D 109 -8.60 -0.53 14.01
N ALA D 110 -9.81 -1.01 14.39
CA ALA D 110 -10.97 -0.82 13.53
C ALA D 110 -12.21 -0.34 14.33
N ASP D 112 -16.56 -0.31 13.36
CA ASP D 112 -17.64 -0.62 12.45
C ASP D 112 -18.98 -0.22 13.08
N ILE D 113 -19.93 0.10 12.23
CA ILE D 113 -21.30 0.46 12.57
C ILE D 113 -22.17 -0.58 11.89
N VAL D 114 -22.87 -1.41 12.68
CA VAL D 114 -23.70 -2.50 12.17
C VAL D 114 -25.14 -2.28 12.58
N VAL D 115 -26.06 -2.52 11.64
CA VAL D 115 -27.50 -2.49 11.84
C VAL D 115 -27.95 -3.94 11.82
N VAL D 116 -28.29 -4.51 13.01
CA VAL D 116 -28.77 -5.90 13.12
C VAL D 116 -30.31 -5.89 13.04
N ARG D 117 -30.87 -6.68 12.10
CA ARG D 117 -32.32 -6.86 11.93
C ARG D 117 -32.61 -8.34 11.83
N ASP D 118 -33.56 -8.83 12.65
CA ASP D 118 -33.99 -10.23 12.74
C ASP D 118 -32.79 -11.16 12.98
N GLY D 119 -31.91 -10.76 13.90
CA GLY D 119 -30.70 -11.51 14.27
C GLY D 119 -29.61 -11.63 13.22
N LYS D 120 -29.66 -10.79 12.16
CA LYS D 120 -28.71 -10.79 11.05
C LYS D 120 -28.20 -9.39 10.73
N TYR D 121 -26.98 -9.31 10.12
CA TYR D 121 -26.33 -8.08 9.64
C TYR D 121 -27.14 -7.55 8.47
N ALA D 122 -27.69 -6.33 8.60
CA ALA D 122 -28.54 -5.69 7.57
C ALA D 122 -27.80 -4.55 6.86
N GLU D 123 -27.07 -3.70 7.61
CA GLU D 123 -26.27 -2.58 7.09
C GLU D 123 -24.95 -2.55 7.80
N HIS D 124 -23.89 -2.08 7.12
CA HIS D 124 -22.54 -2.04 7.68
C HIS D 124 -21.69 -0.91 7.09
N TRP D 125 -20.97 -0.22 7.99
CA TRP D 125 -19.95 0.79 7.77
C TRP D 125 -18.72 0.36 8.51
N SER D 126 -17.55 0.48 7.89
CA SER D 126 -16.29 0.09 8.49
C SER D 126 -15.26 1.17 8.29
N CYS D 127 -14.34 1.25 9.22
CA CYS D 127 -13.17 2.08 9.26
C CYS D 127 -12.07 1.30 9.93
N ALA D 128 -10.88 1.30 9.33
CA ALA D 128 -9.73 0.59 9.86
C ALA D 128 -8.45 1.39 9.61
N ASP D 129 -7.49 1.24 10.53
CA ASP D 129 -6.20 1.90 10.41
C ASP D 129 -5.25 1.04 9.56
N LEU D 130 -5.43 1.03 8.22
CA LEU D 130 -4.54 0.26 7.36
C LEU D 130 -3.20 0.93 7.30
N TYR D 131 -3.19 2.29 7.32
CA TYR D 131 -1.93 3.02 7.27
C TYR D 131 -1.00 2.53 8.42
N GLY D 132 -1.55 2.50 9.65
CA GLY D 132 -0.86 2.04 10.84
C GLY D 132 -0.49 0.57 10.81
N ALA D 133 -1.36 -0.28 10.25
CA ALA D 133 -1.13 -1.72 10.10
C ALA D 133 0.01 -2.00 9.14
N LEU D 134 0.08 -1.28 8.00
CA LEU D 134 1.14 -1.49 7.00
C LEU D 134 2.44 -0.95 7.53
N ALA D 135 2.35 0.12 8.34
CA ALA D 135 3.51 0.71 9.01
C ALA D 135 4.17 -0.34 9.93
N GLN D 136 3.34 -1.10 10.67
CA GLN D 136 3.77 -2.21 11.55
C GLN D 136 4.44 -3.30 10.74
N ILE D 137 3.86 -3.65 9.59
CA ILE D 137 4.36 -4.68 8.69
C ILE D 137 5.75 -4.30 8.17
N ARG D 138 5.96 -3.03 7.79
CA ARG D 138 7.20 -2.52 7.21
CA ARG D 138 7.21 -2.58 7.20
C ARG D 138 8.32 -2.26 8.24
N ALA D 139 8.03 -2.22 9.55
CA ALA D 139 9.06 -1.87 10.54
C ALA D 139 10.13 -2.99 10.71
#